data_5LMJ
#
_entry.id   5LMJ
#
_cell.length_a   113.258
_cell.length_b   113.258
_cell.length_c   153.486
_cell.angle_alpha   90.00
_cell.angle_beta   90.00
_cell.angle_gamma   90.00
#
_symmetry.space_group_name_H-M   'P 41 21 2'
#
loop_
_entity.id
_entity.type
_entity.pdbx_description
1 polymer nanobody
2 non-polymer 'PHOSPHATE ION'
3 water water
#
_entity_poly.entity_id   1
_entity_poly.type   'polypeptide(L)'
_entity_poly.pdbx_seq_one_letter_code
;MAQVQLVESGGGLVQAGGSLRLSCTASGRTFSDYDMAWFRQAPGKERDRVSAISTKGGSTWYHDSVKGRFTISRDNAKNT
VYLQMNSLKPEDTAVYYCAAGAVTYYSARYEYDYWGQGTQVTVSSHHHHHH
;
_entity_poly.pdbx_strand_id   A,B,C,D
#
# COMPACT_ATOMS: atom_id res chain seq x y z
N GLN A 3 -15.96 21.77 2.24
CA GLN A 3 -15.31 20.66 1.56
C GLN A 3 -15.48 20.79 0.07
N VAL A 4 -14.37 20.88 -0.64
CA VAL A 4 -14.33 20.98 -2.10
C VAL A 4 -13.57 19.76 -2.56
N GLN A 5 -14.25 18.85 -3.24
CA GLN A 5 -13.65 17.58 -3.69
C GLN A 5 -13.62 17.49 -5.23
N LEU A 6 -12.62 16.77 -5.78
CA LEU A 6 -12.54 16.48 -7.20
C LEU A 6 -12.60 14.94 -7.26
N VAL A 7 -13.82 14.34 -7.46
CA VAL A 7 -14.04 12.88 -7.36
C VAL A 7 -13.80 12.16 -8.69
N GLU A 8 -12.77 11.28 -8.73
CA GLU A 8 -12.38 10.55 -9.94
C GLU A 8 -13.14 9.22 -10.11
N SER A 9 -13.53 8.87 -11.35
CA SER A 9 -14.30 7.66 -11.70
C SER A 9 -13.69 6.98 -12.92
N GLY A 10 -13.50 5.66 -12.80
CA GLY A 10 -12.93 4.95 -13.94
C GLY A 10 -11.79 4.09 -13.57
N GLY A 11 -11.09 3.66 -14.61
CA GLY A 11 -9.98 2.73 -14.58
C GLY A 11 -10.34 1.37 -15.17
N GLY A 12 -9.31 0.56 -15.36
CA GLY A 12 -9.50 -0.82 -15.80
C GLY A 12 -8.44 -1.36 -16.71
N LEU A 13 -8.59 -2.64 -17.07
CA LEU A 13 -7.73 -3.32 -18.02
C LEU A 13 -8.43 -3.18 -19.37
N VAL A 14 -7.68 -2.78 -20.40
CA VAL A 14 -8.18 -2.59 -21.76
C VAL A 14 -7.21 -3.30 -22.73
N GLN A 15 -7.76 -3.92 -23.78
CA GLN A 15 -6.98 -4.59 -24.82
C GLN A 15 -6.39 -3.54 -25.76
N ALA A 16 -5.17 -3.77 -26.29
CA ALA A 16 -4.51 -2.86 -27.27
C ALA A 16 -5.46 -2.54 -28.44
N GLY A 17 -5.56 -1.25 -28.76
CA GLY A 17 -6.46 -0.73 -29.79
C GLY A 17 -7.82 -0.31 -29.24
N GLY A 18 -8.12 -0.73 -28.02
CA GLY A 18 -9.37 -0.45 -27.34
C GLY A 18 -9.56 0.99 -26.84
N SER A 19 -10.73 1.23 -26.25
CA SER A 19 -11.12 2.54 -25.75
C SER A 19 -11.51 2.56 -24.29
N LEU A 20 -11.23 3.67 -23.62
CA LEU A 20 -11.62 3.88 -22.25
C LEU A 20 -11.85 5.35 -21.97
N ARG A 21 -12.97 5.64 -21.30
CA ARG A 21 -13.34 6.98 -20.87
C ARG A 21 -13.18 7.09 -19.35
N LEU A 22 -12.47 8.13 -18.89
CA LEU A 22 -12.31 8.45 -17.46
C LEU A 22 -13.08 9.73 -17.17
N SER A 23 -13.53 9.91 -15.93
CA SER A 23 -14.26 11.14 -15.59
C SER A 23 -13.93 11.63 -14.18
N CYS A 24 -14.24 12.92 -13.90
CA CYS A 24 -14.10 13.51 -12.58
C CYS A 24 -15.21 14.46 -12.39
N THR A 25 -15.85 14.42 -11.22
CA THR A 25 -16.92 15.34 -10.90
C THR A 25 -16.53 16.11 -9.64
N ALA A 26 -16.51 17.45 -9.77
CA ALA A 26 -16.19 18.36 -8.66
C ALA A 26 -17.43 18.71 -7.86
N SER A 27 -17.24 18.85 -6.53
CA SER A 27 -18.34 19.17 -5.62
C SER A 27 -17.87 20.15 -4.54
N GLY A 28 -18.76 21.07 -4.17
CA GLY A 28 -18.50 22.03 -3.11
C GLY A 28 -18.31 23.46 -3.57
N ARG A 29 -18.23 23.66 -4.89
CA ARG A 29 -17.99 24.93 -5.56
C ARG A 29 -17.98 24.65 -7.07
N THR A 30 -18.27 25.67 -7.89
CA THR A 30 -18.13 25.57 -9.34
C THR A 30 -16.63 25.44 -9.67
N PHE A 31 -16.30 24.68 -10.72
CA PHE A 31 -14.89 24.55 -11.15
C PHE A 31 -14.82 25.18 -12.57
N SER A 32 -15.91 25.84 -12.98
CA SER A 32 -16.04 26.50 -14.31
C SER A 32 -15.04 27.68 -14.48
N ASP A 33 -14.56 28.16 -13.35
CA ASP A 33 -13.50 29.09 -13.01
C ASP A 33 -12.08 28.56 -13.39
N TYR A 34 -11.93 27.24 -13.41
CA TYR A 34 -10.64 26.62 -13.50
C TYR A 34 -10.31 25.94 -14.80
N ASP A 35 -9.03 26.01 -15.18
CA ASP A 35 -8.55 25.19 -16.28
C ASP A 35 -8.35 23.83 -15.63
N MET A 36 -8.51 22.77 -16.43
CA MET A 36 -8.38 21.40 -15.95
C MET A 36 -7.38 20.62 -16.79
N ALA A 37 -6.94 19.48 -16.26
CA ALA A 37 -5.94 18.67 -16.95
C ALA A 37 -6.05 17.22 -16.53
N TRP A 38 -5.41 16.35 -17.32
CA TRP A 38 -5.22 14.97 -17.01
C TRP A 38 -3.73 14.72 -17.02
N PHE A 39 -3.28 14.05 -15.98
CA PHE A 39 -1.89 13.64 -15.80
C PHE A 39 -1.88 12.14 -15.76
N ARG A 40 -0.72 11.57 -16.10
CA ARG A 40 -0.49 10.14 -15.95
C ARG A 40 0.90 9.87 -15.40
N GLN A 41 1.02 8.76 -14.68
CA GLN A 41 2.24 8.35 -14.07
C GLN A 41 2.46 6.89 -14.38
N ALA A 42 3.34 6.63 -15.38
CA ALA A 42 3.69 5.29 -15.84
C ALA A 42 4.69 4.65 -14.87
N PRO A 43 4.79 3.29 -14.83
CA PRO A 43 5.73 2.65 -13.89
C PRO A 43 7.15 3.21 -13.99
N GLY A 44 7.72 3.56 -12.84
CA GLY A 44 9.05 4.13 -12.72
C GLY A 44 9.22 5.58 -13.16
N LYS A 45 8.15 6.21 -13.67
CA LYS A 45 8.25 7.61 -14.14
C LYS A 45 7.57 8.63 -13.20
N GLU A 46 7.73 9.91 -13.54
CA GLU A 46 7.09 11.02 -12.83
C GLU A 46 5.71 11.19 -13.42
N ARG A 47 4.83 11.82 -12.64
CA ARG A 47 3.50 12.12 -13.10
C ARG A 47 3.62 13.30 -14.07
N ASP A 48 3.13 13.14 -15.32
CA ASP A 48 3.25 14.22 -16.29
C ASP A 48 1.92 14.56 -16.94
N ARG A 49 1.74 15.83 -17.31
CA ARG A 49 0.51 16.34 -17.92
C ARG A 49 0.40 15.81 -19.33
N VAL A 50 -0.74 15.22 -19.62
CA VAL A 50 -0.99 14.54 -20.88
C VAL A 50 -2.07 15.26 -21.73
N SER A 51 -2.96 16.02 -21.05
CA SER A 51 -4.04 16.78 -21.70
CA SER A 51 -4.03 16.77 -21.68
C SER A 51 -4.46 17.93 -20.80
N ALA A 52 -4.87 19.05 -21.39
CA ALA A 52 -5.33 20.26 -20.68
C ALA A 52 -6.45 20.93 -21.41
N ILE A 53 -7.36 21.57 -20.67
CA ILE A 53 -8.55 22.24 -21.23
C ILE A 53 -8.79 23.59 -20.54
N SER A 54 -9.24 24.59 -21.31
CA SER A 54 -9.59 25.92 -20.79
C SER A 54 -10.93 25.88 -20.02
N THR A 55 -11.29 26.98 -19.34
CA THR A 55 -12.50 27.09 -18.49
C THR A 55 -13.81 26.67 -19.19
N LYS A 56 -14.00 27.05 -20.46
CA LYS A 56 -15.23 26.66 -21.20
C LYS A 56 -14.91 25.63 -22.29
N GLY A 57 -13.71 25.09 -22.28
CA GLY A 57 -13.28 24.11 -23.27
C GLY A 57 -13.03 24.61 -24.68
N GLY A 58 -12.90 25.92 -24.87
CA GLY A 58 -12.61 26.51 -26.17
C GLY A 58 -11.19 26.21 -26.64
N SER A 59 -10.31 25.83 -25.71
CA SER A 59 -8.91 25.54 -26.00
C SER A 59 -8.45 24.29 -25.25
N THR A 60 -7.83 23.38 -26.02
CA THR A 60 -7.28 22.11 -25.56
C THR A 60 -5.81 21.98 -25.94
N TRP A 61 -5.08 21.21 -25.13
CA TRP A 61 -3.67 20.90 -25.31
C TRP A 61 -3.49 19.38 -25.12
N TYR A 62 -2.57 18.78 -25.88
CA TYR A 62 -2.27 17.35 -25.78
C TYR A 62 -0.81 17.11 -25.88
N HIS A 63 -0.32 16.18 -25.06
CA HIS A 63 1.05 15.68 -25.11
C HIS A 63 1.19 14.99 -26.50
N ASP A 64 2.35 15.12 -27.16
CA ASP A 64 2.57 14.59 -28.53
C ASP A 64 2.24 13.10 -28.71
N SER A 65 2.49 12.26 -27.68
CA SER A 65 2.23 10.81 -27.72
C SER A 65 0.74 10.42 -27.63
N VAL A 66 -0.18 11.37 -27.39
CA VAL A 66 -1.62 11.10 -27.23
C VAL A 66 -2.51 11.91 -28.19
N LYS A 67 -1.92 12.90 -28.89
CA LYS A 67 -2.58 13.74 -29.89
C LYS A 67 -3.24 12.83 -30.94
N GLY A 68 -4.50 13.14 -31.29
CA GLY A 68 -5.28 12.37 -32.25
C GLY A 68 -5.99 11.17 -31.65
N ARG A 69 -5.49 10.65 -30.53
CA ARG A 69 -6.07 9.48 -29.88
C ARG A 69 -6.89 9.80 -28.62
N PHE A 70 -6.46 10.81 -27.84
CA PHE A 70 -7.11 11.22 -26.59
C PHE A 70 -7.95 12.50 -26.81
N THR A 71 -9.06 12.65 -26.06
CA THR A 71 -9.92 13.84 -26.11
C THR A 71 -10.33 14.22 -24.69
N ILE A 72 -9.89 15.40 -24.26
CA ILE A 72 -10.27 16.02 -23.00
C ILE A 72 -11.50 16.89 -23.34
N SER A 73 -12.57 16.76 -22.56
CA SER A 73 -13.77 17.55 -22.74
C SER A 73 -14.30 17.83 -21.33
N ARG A 74 -15.16 18.82 -21.18
CA ARG A 74 -15.74 19.13 -19.88
C ARG A 74 -17.22 19.52 -20.05
N ASP A 75 -18.04 19.18 -19.06
CA ASP A 75 -19.47 19.48 -19.03
C ASP A 75 -19.66 20.37 -17.77
N ASN A 76 -19.56 21.70 -17.92
CA ASN A 76 -19.64 22.69 -16.81
C ASN A 76 -20.97 22.70 -16.08
N ALA A 77 -22.05 22.34 -16.77
CA ALA A 77 -23.37 22.24 -16.14
C ALA A 77 -23.36 21.14 -15.08
N LYS A 78 -22.52 20.12 -15.26
CA LYS A 78 -22.37 19.01 -14.33
C LYS A 78 -21.09 19.05 -13.48
N ASN A 79 -20.26 20.12 -13.61
CA ASN A 79 -19.00 20.27 -12.84
C ASN A 79 -18.11 19.05 -13.10
N THR A 80 -18.19 18.50 -14.35
CA THR A 80 -17.53 17.25 -14.73
C THR A 80 -16.53 17.44 -15.88
N VAL A 81 -15.43 16.66 -15.83
CA VAL A 81 -14.39 16.66 -16.87
C VAL A 81 -14.19 15.21 -17.31
N TYR A 82 -13.87 15.01 -18.59
CA TYR A 82 -13.66 13.67 -19.14
C TYR A 82 -12.33 13.54 -19.85
N LEU A 83 -11.85 12.29 -19.95
CA LEU A 83 -10.73 11.92 -20.82
C LEU A 83 -11.19 10.71 -21.61
N GLN A 84 -11.35 10.88 -22.91
CA GLN A 84 -11.73 9.80 -23.83
C GLN A 84 -10.46 9.31 -24.49
N MET A 85 -10.06 8.06 -24.20
CA MET A 85 -8.85 7.47 -24.75
C MET A 85 -9.21 6.41 -25.78
N ASN A 86 -8.81 6.63 -27.04
CA ASN A 86 -9.04 5.70 -28.15
C ASN A 86 -7.70 5.13 -28.56
N SER A 87 -7.73 4.01 -29.33
CA SER A 87 -6.56 3.29 -29.85
C SER A 87 -5.45 3.19 -28.78
N LEU A 88 -5.81 2.66 -27.60
CA LEU A 88 -4.90 2.50 -26.47
C LEU A 88 -3.73 1.56 -26.79
N LYS A 89 -2.53 1.94 -26.36
CA LYS A 89 -1.27 1.19 -26.60
C LYS A 89 -0.69 0.77 -25.23
N PRO A 90 0.11 -0.34 -25.13
CA PRO A 90 0.70 -0.69 -23.81
C PRO A 90 1.46 0.46 -23.14
N GLU A 91 2.01 1.38 -23.96
CA GLU A 91 2.75 2.60 -23.62
C GLU A 91 1.88 3.56 -22.75
N ASP A 92 0.54 3.45 -22.84
CA ASP A 92 -0.42 4.29 -22.08
C ASP A 92 -0.75 3.74 -20.69
N THR A 93 -0.14 2.59 -20.30
CA THR A 93 -0.32 2.01 -18.95
C THR A 93 0.24 2.98 -17.89
N ALA A 94 -0.63 3.42 -16.99
CA ALA A 94 -0.30 4.42 -15.96
C ALA A 94 -1.47 4.63 -15.01
N VAL A 95 -1.23 5.34 -13.91
CA VAL A 95 -2.24 5.83 -12.98
C VAL A 95 -2.58 7.22 -13.55
N TYR A 96 -3.87 7.44 -13.85
CA TYR A 96 -4.33 8.72 -14.40
C TYR A 96 -4.98 9.55 -13.34
N TYR A 97 -4.68 10.84 -13.33
CA TYR A 97 -5.24 11.79 -12.38
C TYR A 97 -5.84 12.95 -13.12
N CYS A 98 -7.00 13.39 -12.68
CA CYS A 98 -7.56 14.65 -13.18
C CYS A 98 -7.08 15.72 -12.18
N ALA A 99 -7.05 16.98 -12.63
CA ALA A 99 -6.55 18.12 -11.86
C ALA A 99 -7.26 19.38 -12.32
N ALA A 100 -7.44 20.34 -11.40
CA ALA A 100 -8.13 21.59 -11.71
C ALA A 100 -7.52 22.75 -10.93
N GLY A 101 -7.56 23.94 -11.53
CA GLY A 101 -7.08 25.16 -10.92
C GLY A 101 -5.60 25.30 -11.18
N ALA A 102 -5.23 25.78 -12.38
CA ALA A 102 -3.86 25.93 -12.82
C ALA A 102 -3.11 27.07 -12.14
N VAL A 103 -1.88 26.77 -11.71
CA VAL A 103 -0.98 27.72 -11.04
C VAL A 103 0.39 27.58 -11.69
N THR A 104 1.04 28.69 -11.99
CA THR A 104 2.37 28.62 -12.56
C THR A 104 3.34 29.49 -11.73
N TYR A 105 4.46 28.91 -11.28
CA TYR A 105 5.51 29.65 -10.54
C TYR A 105 6.64 29.90 -11.51
N TYR A 106 6.96 28.88 -12.34
CA TYR A 106 8.00 29.00 -13.34
C TYR A 106 7.32 28.87 -14.69
N SER A 107 7.75 29.68 -15.68
CA SER A 107 7.13 29.66 -17.00
C SER A 107 6.97 28.25 -17.59
N ALA A 108 5.76 27.97 -18.08
CA ALA A 108 5.34 26.72 -18.72
C ALA A 108 5.34 25.48 -17.81
N ARG A 109 5.32 25.68 -16.48
CA ARG A 109 5.26 24.57 -15.52
C ARG A 109 4.03 24.77 -14.68
N TYR A 110 3.05 23.89 -14.87
CA TYR A 110 1.75 24.03 -14.23
C TYR A 110 1.54 23.12 -13.04
N GLU A 111 1.13 23.75 -11.94
CA GLU A 111 0.74 23.07 -10.72
C GLU A 111 -0.77 23.17 -10.66
N TYR A 112 -1.43 22.29 -9.90
CA TYR A 112 -2.89 22.33 -9.82
C TYR A 112 -3.39 22.36 -8.38
N ASP A 113 -4.46 23.15 -8.10
CA ASP A 113 -5.05 23.24 -6.76
C ASP A 113 -5.73 21.97 -6.28
N TYR A 114 -6.45 21.27 -7.16
CA TYR A 114 -7.25 20.08 -6.84
C TYR A 114 -6.90 18.94 -7.73
N TRP A 115 -6.87 17.75 -7.14
CA TRP A 115 -6.51 16.48 -7.78
C TRP A 115 -7.48 15.36 -7.42
N GLY A 116 -7.75 14.49 -8.41
CA GLY A 116 -8.47 13.23 -8.27
C GLY A 116 -7.57 12.26 -7.51
N GLN A 117 -8.14 11.17 -6.97
CA GLN A 117 -7.34 10.22 -6.18
C GLN A 117 -6.43 9.31 -7.05
N GLY A 118 -6.64 9.36 -8.36
CA GLY A 118 -5.90 8.52 -9.29
C GLY A 118 -6.62 7.21 -9.57
N THR A 119 -6.44 6.69 -10.80
CA THR A 119 -6.95 5.38 -11.15
C THR A 119 -6.02 4.72 -12.15
N GLN A 120 -5.81 3.42 -11.98
CA GLN A 120 -4.97 2.63 -12.86
C GLN A 120 -5.64 2.29 -14.20
N VAL A 121 -4.88 2.46 -15.28
CA VAL A 121 -5.32 2.10 -16.63
C VAL A 121 -4.20 1.23 -17.18
N THR A 122 -4.51 -0.02 -17.50
CA THR A 122 -3.54 -0.94 -18.05
C THR A 122 -3.99 -1.41 -19.42
N VAL A 123 -3.08 -1.32 -20.40
CA VAL A 123 -3.31 -1.75 -21.79
C VAL A 123 -2.46 -2.99 -22.05
N SER A 124 -3.12 -4.14 -22.30
CA SER A 124 -2.42 -5.40 -22.55
C SER A 124 -1.94 -5.46 -24.02
N SER A 125 -0.78 -6.14 -24.26
CA SER A 125 -0.20 -6.33 -25.60
C SER A 125 -0.86 -7.48 -26.36
N GLN B 3 6.93 0.25 -7.06
CA GLN B 3 7.61 -0.83 -7.74
C GLN B 3 6.67 -1.71 -8.62
N VAL B 4 5.37 -1.86 -8.27
CA VAL B 4 4.39 -2.55 -9.11
C VAL B 4 2.98 -1.82 -9.11
N GLN B 5 2.38 -1.65 -10.31
CA GLN B 5 1.04 -1.08 -10.55
C GLN B 5 0.11 -2.25 -10.84
N LEU B 6 -1.09 -2.29 -10.21
CA LEU B 6 -2.04 -3.41 -10.35
C LEU B 6 -3.46 -2.97 -10.74
N VAL B 7 -4.19 -3.85 -11.46
CA VAL B 7 -5.59 -3.60 -11.82
C VAL B 7 -6.32 -4.93 -11.92
N GLU B 8 -7.44 -5.06 -11.22
CA GLU B 8 -8.24 -6.28 -11.21
C GLU B 8 -9.36 -6.21 -12.23
N SER B 9 -9.72 -7.36 -12.81
CA SER B 9 -10.82 -7.49 -13.77
C SER B 9 -11.48 -8.87 -13.61
N GLY B 10 -12.59 -9.09 -14.30
CA GLY B 10 -13.29 -10.37 -14.23
C GLY B 10 -14.43 -10.42 -13.25
N GLY B 11 -14.63 -9.36 -12.46
CA GLY B 11 -15.74 -9.30 -11.53
C GLY B 11 -17.07 -9.22 -12.26
N GLY B 12 -18.14 -9.54 -11.57
CA GLY B 12 -19.48 -9.48 -12.16
C GLY B 12 -20.56 -10.01 -11.24
N LEU B 13 -21.78 -10.04 -11.77
CA LEU B 13 -22.96 -10.54 -11.09
C LEU B 13 -23.14 -12.00 -11.48
N VAL B 14 -23.32 -12.85 -10.47
CA VAL B 14 -23.44 -14.30 -10.63
C VAL B 14 -24.49 -14.87 -9.67
N GLN B 15 -25.12 -16.00 -10.03
CA GLN B 15 -26.10 -16.66 -9.18
C GLN B 15 -25.34 -17.58 -8.23
N ALA B 16 -25.90 -17.85 -7.04
CA ALA B 16 -25.32 -18.76 -6.04
C ALA B 16 -25.10 -20.14 -6.67
N GLY B 17 -23.87 -20.64 -6.57
CA GLY B 17 -23.43 -21.91 -7.14
C GLY B 17 -22.64 -21.74 -8.42
N GLY B 18 -22.62 -20.52 -8.94
CA GLY B 18 -21.89 -20.16 -10.15
C GLY B 18 -20.39 -20.01 -9.98
N SER B 19 -19.69 -19.94 -11.12
CA SER B 19 -18.25 -19.79 -11.26
C SER B 19 -17.88 -18.41 -11.77
N LEU B 20 -16.66 -17.97 -11.43
CA LEU B 20 -16.10 -16.69 -11.83
C LEU B 20 -14.58 -16.73 -11.74
N ARG B 21 -13.88 -16.13 -12.73
CA ARG B 21 -12.42 -16.02 -12.73
C ARG B 21 -11.94 -14.56 -12.73
N LEU B 22 -11.27 -14.16 -11.64
CA LEU B 22 -10.73 -12.81 -11.51
C LEU B 22 -9.31 -12.77 -12.02
N SER B 23 -8.93 -11.65 -12.62
CA SER B 23 -7.58 -11.44 -13.11
C SER B 23 -7.02 -10.23 -12.37
N CYS B 24 -5.70 -10.24 -12.16
CA CYS B 24 -5.01 -9.11 -11.60
C CYS B 24 -3.81 -8.89 -12.50
N THR B 25 -3.85 -7.81 -13.26
CA THR B 25 -2.80 -7.50 -14.22
C THR B 25 -1.85 -6.54 -13.61
N ALA B 26 -0.57 -6.91 -13.62
CA ALA B 26 0.50 -6.09 -13.04
C ALA B 26 1.36 -5.44 -14.10
N SER B 27 1.89 -4.26 -13.76
CA SER B 27 2.76 -3.48 -14.61
C SER B 27 3.92 -2.92 -13.78
N GLY B 28 5.10 -2.84 -14.39
CA GLY B 28 6.32 -2.38 -13.75
C GLY B 28 7.39 -3.43 -13.65
N ARG B 29 8.53 -3.06 -13.04
CA ARG B 29 9.68 -3.95 -12.88
C ARG B 29 9.40 -5.19 -12.03
N THR B 30 9.58 -6.35 -12.69
CA THR B 30 9.48 -7.74 -12.23
C THR B 30 8.31 -8.09 -11.27
N PHE B 31 7.23 -8.60 -11.87
CA PHE B 31 6.05 -9.12 -11.18
C PHE B 31 6.44 -10.46 -10.54
N SER B 32 7.27 -11.24 -11.25
CA SER B 32 7.79 -12.54 -10.82
C SER B 32 8.60 -12.47 -9.51
N ASP B 33 9.04 -11.26 -9.12
CA ASP B 33 9.79 -10.98 -7.90
C ASP B 33 8.87 -10.66 -6.71
N TYR B 34 7.53 -10.69 -6.93
CA TYR B 34 6.56 -10.40 -5.90
C TYR B 34 5.65 -11.55 -5.55
N ASP B 35 5.39 -11.74 -4.24
CA ASP B 35 4.36 -12.64 -3.77
C ASP B 35 3.07 -11.84 -4.02
N MET B 36 1.97 -12.55 -4.31
CA MET B 36 0.70 -11.91 -4.60
C MET B 36 -0.39 -12.49 -3.72
N ALA B 37 -1.41 -11.69 -3.40
CA ALA B 37 -2.54 -12.13 -2.59
C ALA B 37 -3.85 -11.47 -3.05
N TRP B 38 -4.95 -12.16 -2.77
CA TRP B 38 -6.29 -11.70 -3.01
C TRP B 38 -6.92 -11.44 -1.65
N PHE B 39 -7.67 -10.36 -1.60
CA PHE B 39 -8.36 -9.85 -0.44
C PHE B 39 -9.76 -9.53 -0.89
N ARG B 40 -10.67 -9.41 0.06
CA ARG B 40 -12.05 -8.98 -0.16
C ARG B 40 -12.48 -8.04 0.96
N GLN B 41 -13.40 -7.13 0.66
CA GLN B 41 -13.95 -6.17 1.61
C GLN B 41 -15.34 -5.79 1.18
N ALA B 42 -16.32 -6.04 2.07
CA ALA B 42 -17.72 -5.67 1.89
C ALA B 42 -17.86 -4.24 2.48
N PRO B 43 -18.84 -3.40 2.04
CA PRO B 43 -18.94 -2.04 2.61
C PRO B 43 -19.10 -1.99 4.15
N GLY B 44 -18.36 -1.07 4.77
CA GLY B 44 -18.35 -0.86 6.23
C GLY B 44 -17.72 -1.97 7.06
N LYS B 45 -17.00 -2.89 6.41
CA LYS B 45 -16.31 -4.00 7.09
C LYS B 45 -14.79 -3.94 6.84
N GLU B 46 -14.00 -4.81 7.49
CA GLU B 46 -12.53 -4.81 7.30
C GLU B 46 -12.12 -5.50 5.99
N ARG B 47 -10.91 -5.22 5.52
CA ARG B 47 -10.41 -5.84 4.29
C ARG B 47 -9.73 -7.13 4.79
N ASP B 48 -10.24 -8.32 4.33
CA ASP B 48 -9.75 -9.62 4.77
C ASP B 48 -9.01 -10.37 3.66
N ARG B 49 -7.89 -10.99 4.01
CA ARG B 49 -7.11 -11.79 3.07
C ARG B 49 -7.79 -13.14 2.85
N VAL B 50 -7.91 -13.53 1.59
CA VAL B 50 -8.65 -14.71 1.20
C VAL B 50 -7.72 -15.84 0.62
N SER B 51 -6.64 -15.42 -0.07
CA SER B 51 -5.71 -16.36 -0.70
C SER B 51 -4.38 -15.69 -1.00
N ALA B 52 -3.28 -16.46 -1.00
CA ALA B 52 -1.94 -15.94 -1.32
C ALA B 52 -1.17 -16.97 -2.16
N ILE B 53 -0.23 -16.48 -2.99
CA ILE B 53 0.58 -17.32 -3.85
C ILE B 53 2.03 -16.81 -3.80
N SER B 54 3.00 -17.73 -3.87
CA SER B 54 4.43 -17.41 -3.87
C SER B 54 4.85 -16.80 -5.22
N THR B 55 6.06 -16.24 -5.28
CA THR B 55 6.65 -15.59 -6.47
C THR B 55 6.52 -16.36 -7.79
N LYS B 56 6.78 -17.69 -7.80
CA LYS B 56 6.73 -18.52 -9.01
C LYS B 56 5.50 -19.46 -9.07
N GLY B 57 4.67 -19.45 -8.03
CA GLY B 57 3.45 -20.24 -7.96
C GLY B 57 3.60 -21.60 -7.30
N GLY B 58 4.79 -21.89 -6.80
CA GLY B 58 5.12 -23.15 -6.12
C GLY B 58 4.31 -23.39 -4.87
N SER B 59 4.04 -22.33 -4.08
CA SER B 59 3.26 -22.46 -2.85
C SER B 59 2.03 -21.55 -2.84
N THR B 60 0.91 -22.03 -2.27
CA THR B 60 -0.34 -21.30 -2.16
C THR B 60 -0.93 -21.42 -0.74
N TRP B 61 -1.82 -20.48 -0.35
CA TRP B 61 -2.53 -20.52 0.94
C TRP B 61 -3.96 -20.03 0.72
N TYR B 62 -4.89 -20.57 1.49
CA TYR B 62 -6.29 -20.20 1.39
C TYR B 62 -6.85 -19.97 2.76
N HIS B 63 -7.66 -18.92 2.91
CA HIS B 63 -8.41 -18.67 4.12
C HIS B 63 -9.46 -19.81 4.18
N ASP B 64 -9.73 -20.32 5.38
CA ASP B 64 -10.63 -21.45 5.64
C ASP B 64 -12.00 -21.35 4.96
N SER B 65 -12.64 -20.17 4.96
CA SER B 65 -13.96 -19.94 4.33
C SER B 65 -14.02 -20.15 2.79
N VAL B 66 -12.86 -20.10 2.09
CA VAL B 66 -12.79 -20.24 0.63
C VAL B 66 -12.01 -21.49 0.19
N LYS B 67 -11.28 -22.15 1.12
CA LYS B 67 -10.47 -23.33 0.83
C LYS B 67 -11.35 -24.43 0.23
N GLY B 68 -10.84 -25.03 -0.84
CA GLY B 68 -11.52 -26.08 -1.60
C GLY B 68 -12.35 -25.58 -2.78
N ARG B 69 -12.78 -24.30 -2.76
CA ARG B 69 -13.63 -23.72 -3.80
C ARG B 69 -12.89 -22.71 -4.69
N PHE B 70 -11.99 -21.94 -4.09
CA PHE B 70 -11.22 -20.92 -4.80
C PHE B 70 -9.82 -21.46 -5.12
N THR B 71 -9.25 -21.03 -6.27
CA THR B 71 -7.91 -21.45 -6.69
C THR B 71 -7.15 -20.24 -7.20
N ILE B 72 -6.02 -19.97 -6.54
CA ILE B 72 -5.09 -18.88 -6.90
C ILE B 72 -4.04 -19.47 -7.84
N SER B 73 -3.77 -18.78 -8.94
CA SER B 73 -2.80 -19.23 -9.95
C SER B 73 -2.07 -17.99 -10.47
N ARG B 74 -0.92 -18.17 -11.17
CA ARG B 74 -0.11 -17.09 -11.73
C ARG B 74 0.42 -17.45 -13.10
N ASP B 75 0.64 -16.44 -13.93
CA ASP B 75 1.25 -16.56 -15.24
C ASP B 75 2.17 -15.33 -15.33
N ASN B 76 3.43 -15.49 -14.91
CA ASN B 76 4.43 -14.42 -14.84
C ASN B 76 4.83 -13.86 -16.22
N ALA B 77 4.69 -14.67 -17.30
CA ALA B 77 4.95 -14.27 -18.68
C ALA B 77 3.87 -13.32 -19.17
N LYS B 78 2.67 -13.40 -18.56
CA LYS B 78 1.50 -12.57 -18.84
C LYS B 78 1.30 -11.53 -17.71
N ASN B 79 2.20 -11.51 -16.69
CA ASN B 79 2.17 -10.58 -15.52
C ASN B 79 0.77 -10.55 -14.86
N THR B 80 0.16 -11.73 -14.71
CA THR B 80 -1.19 -11.90 -14.19
C THR B 80 -1.30 -12.95 -13.09
N VAL B 81 -2.09 -12.65 -12.04
CA VAL B 81 -2.46 -13.54 -10.95
C VAL B 81 -4.00 -13.76 -11.08
N TYR B 82 -4.46 -15.00 -10.93
CA TYR B 82 -5.88 -15.34 -11.08
C TYR B 82 -6.52 -15.83 -9.78
N LEU B 83 -7.84 -15.66 -9.68
CA LEU B 83 -8.65 -16.21 -8.60
C LEU B 83 -9.84 -16.92 -9.22
N GLN B 84 -9.74 -18.27 -9.34
CA GLN B 84 -10.81 -19.10 -9.85
C GLN B 84 -11.74 -19.28 -8.65
N MET B 85 -12.95 -18.71 -8.73
CA MET B 85 -13.94 -18.83 -7.65
C MET B 85 -15.07 -19.75 -8.10
N ASN B 86 -15.22 -20.91 -7.42
CA ASN B 86 -16.30 -21.88 -7.74
C ASN B 86 -17.24 -21.96 -6.54
N SER B 87 -18.45 -22.52 -6.76
CA SER B 87 -19.50 -22.71 -5.74
C SER B 87 -19.75 -21.43 -4.94
N LEU B 88 -19.85 -20.27 -5.63
CA LEU B 88 -20.04 -18.97 -5.00
C LEU B 88 -21.32 -18.91 -4.17
N LYS B 89 -21.25 -18.26 -2.99
CA LYS B 89 -22.37 -18.10 -2.06
C LYS B 89 -22.65 -16.58 -1.84
N PRO B 90 -23.85 -16.18 -1.39
CA PRO B 90 -24.11 -14.73 -1.16
C PRO B 90 -23.13 -14.07 -0.20
N GLU B 91 -22.52 -14.87 0.69
CA GLU B 91 -21.51 -14.48 1.69
C GLU B 91 -20.19 -14.04 0.99
N ASP B 92 -19.97 -14.46 -0.28
CA ASP B 92 -18.79 -14.10 -1.06
C ASP B 92 -18.92 -12.72 -1.74
N THR B 93 -20.10 -12.06 -1.65
CA THR B 93 -20.34 -10.73 -2.22
C THR B 93 -19.43 -9.73 -1.51
N ALA B 94 -18.58 -9.02 -2.30
CA ALA B 94 -17.58 -8.03 -1.86
C ALA B 94 -16.80 -7.48 -3.06
N VAL B 95 -15.99 -6.45 -2.81
CA VAL B 95 -15.01 -5.96 -3.77
C VAL B 95 -13.76 -6.84 -3.51
N TYR B 96 -13.17 -7.39 -4.57
CA TYR B 96 -11.98 -8.22 -4.48
C TYR B 96 -10.75 -7.44 -4.97
N TYR B 97 -9.68 -7.50 -4.18
CA TYR B 97 -8.46 -6.74 -4.44
C TYR B 97 -7.26 -7.64 -4.51
N CYS B 98 -6.30 -7.31 -5.38
CA CYS B 98 -5.01 -8.00 -5.40
C CYS B 98 -3.97 -7.03 -4.84
N ALA B 99 -2.97 -7.56 -4.15
CA ALA B 99 -1.89 -6.77 -3.57
C ALA B 99 -0.59 -7.55 -3.67
N ALA B 100 0.52 -6.81 -3.78
CA ALA B 100 1.86 -7.40 -3.83
C ALA B 100 2.45 -7.38 -2.41
N GLY B 101 2.94 -8.54 -1.97
CA GLY B 101 3.54 -8.68 -0.64
C GLY B 101 5.04 -8.71 -0.72
N ALA B 102 5.70 -7.89 0.10
CA ALA B 102 7.16 -7.83 0.19
C ALA B 102 7.56 -7.21 1.54
N VAL B 103 8.81 -7.40 1.92
CA VAL B 103 9.36 -6.81 3.14
C VAL B 103 9.65 -5.34 2.83
N THR B 104 9.18 -4.43 3.70
CA THR B 104 9.57 -3.02 3.60
C THR B 104 10.79 -2.90 4.50
N TYR B 105 11.87 -2.32 3.99
CA TYR B 105 13.11 -2.13 4.72
C TYR B 105 13.10 -0.86 5.61
N TYR B 106 11.93 -0.19 5.77
CA TYR B 106 11.75 0.86 6.77
C TYR B 106 11.77 0.15 8.17
N SER B 107 11.12 -1.03 8.28
CA SER B 107 10.97 -1.76 9.53
C SER B 107 11.45 -3.21 9.45
N ALA B 108 11.76 -3.66 8.22
CA ALA B 108 12.11 -5.03 7.82
C ALA B 108 10.94 -5.98 8.16
N ARG B 109 9.72 -5.52 7.82
CA ARG B 109 8.48 -6.24 8.06
C ARG B 109 7.75 -6.46 6.76
N TYR B 110 7.08 -7.59 6.66
CA TYR B 110 6.39 -8.01 5.46
C TYR B 110 5.04 -7.31 5.39
N GLU B 111 4.76 -6.62 4.28
CA GLU B 111 3.53 -5.86 4.07
C GLU B 111 3.03 -5.97 2.65
N TYR B 112 1.77 -5.59 2.47
CA TYR B 112 1.07 -5.44 1.19
C TYR B 112 1.02 -3.93 0.99
N ASP B 113 2.00 -3.38 0.25
CA ASP B 113 2.10 -1.94 0.02
C ASP B 113 1.63 -1.49 -1.36
N TYR B 114 1.25 -2.43 -2.26
CA TYR B 114 0.82 -2.11 -3.63
C TYR B 114 -0.47 -2.83 -3.82
N TRP B 115 -1.52 -2.08 -4.21
CA TRP B 115 -2.90 -2.54 -4.30
C TRP B 115 -3.56 -2.08 -5.58
N GLY B 116 -4.52 -2.88 -6.04
CA GLY B 116 -5.41 -2.49 -7.13
C GLY B 116 -6.62 -1.80 -6.52
N GLN B 117 -7.50 -1.20 -7.35
CA GLN B 117 -8.70 -0.53 -6.84
C GLN B 117 -9.89 -1.48 -6.65
N GLY B 118 -9.76 -2.70 -7.13
CA GLY B 118 -10.78 -3.72 -6.90
C GLY B 118 -11.72 -3.97 -8.03
N THR B 119 -12.34 -5.15 -7.99
CA THR B 119 -13.35 -5.64 -8.93
C THR B 119 -14.49 -6.17 -8.07
N GLN B 120 -15.71 -5.72 -8.34
CA GLN B 120 -16.92 -6.09 -7.62
C GLN B 120 -17.38 -7.50 -7.95
N VAL B 121 -17.62 -8.33 -6.92
CA VAL B 121 -18.21 -9.64 -7.11
C VAL B 121 -19.55 -9.59 -6.36
N THR B 122 -20.67 -9.87 -7.08
CA THR B 122 -22.01 -9.90 -6.50
C THR B 122 -22.62 -11.29 -6.71
N VAL B 123 -23.01 -11.96 -5.62
CA VAL B 123 -23.63 -13.30 -5.70
C VAL B 123 -25.08 -13.24 -5.21
N SER B 124 -26.04 -13.49 -6.11
CA SER B 124 -27.46 -13.50 -5.74
C SER B 124 -27.89 -14.87 -5.22
N SER B 125 -28.70 -14.88 -4.15
CA SER B 125 -29.24 -16.10 -3.52
C SER B 125 -30.17 -16.87 -4.46
N GLN C 3 15.12 -26.84 4.35
CA GLN C 3 15.42 -25.83 3.33
C GLN C 3 16.82 -25.19 3.49
N VAL C 4 17.19 -24.62 4.66
CA VAL C 4 18.57 -24.13 4.84
C VAL C 4 19.11 -24.45 6.28
N GLN C 5 20.42 -24.86 6.39
CA GLN C 5 21.14 -25.15 7.63
C GLN C 5 22.15 -24.01 7.81
N LEU C 6 22.28 -23.48 9.05
CA LEU C 6 23.09 -22.29 9.34
C LEU C 6 24.04 -22.49 10.50
N VAL C 7 25.18 -21.76 10.48
CA VAL C 7 26.17 -21.82 11.56
C VAL C 7 26.90 -20.47 11.63
N GLU C 8 26.96 -19.89 12.84
CA GLU C 8 27.62 -18.61 13.07
C GLU C 8 29.04 -18.85 13.60
N SER C 9 29.93 -17.89 13.36
CA SER C 9 31.33 -17.90 13.78
C SER C 9 31.83 -16.45 13.80
N GLY C 10 33.06 -16.26 14.28
CA GLY C 10 33.67 -14.94 14.35
C GLY C 10 33.52 -14.26 15.69
N GLY C 11 32.76 -14.89 16.59
CA GLY C 11 32.53 -14.40 17.94
C GLY C 11 33.74 -14.47 18.83
N GLY C 12 33.71 -13.70 19.91
CA GLY C 12 34.79 -13.70 20.87
C GLY C 12 34.74 -12.57 21.88
N LEU C 13 35.80 -12.46 22.68
CA LEU C 13 35.96 -11.42 23.68
C LEU C 13 36.64 -10.22 23.03
N VAL C 14 36.10 -9.04 23.33
CA VAL C 14 36.60 -7.76 22.86
C VAL C 14 36.43 -6.75 23.97
N GLN C 15 37.23 -5.72 23.89
CA GLN C 15 37.28 -4.59 24.79
C GLN C 15 36.36 -3.48 24.27
N ALA C 16 35.77 -2.66 25.18
CA ALA C 16 34.89 -1.53 24.83
C ALA C 16 35.55 -0.66 23.76
N GLY C 17 34.79 -0.30 22.73
CA GLY C 17 35.28 0.50 21.61
C GLY C 17 35.79 -0.35 20.46
N GLY C 18 36.01 -1.64 20.74
CA GLY C 18 36.51 -2.62 19.79
C GLY C 18 35.55 -2.98 18.67
N SER C 19 36.11 -3.69 17.68
CA SER C 19 35.40 -4.18 16.50
C SER C 19 35.44 -5.70 16.45
N LEU C 20 34.43 -6.30 15.80
CA LEU C 20 34.30 -7.73 15.61
C LEU C 20 33.43 -7.96 14.37
N ARG C 21 33.79 -8.95 13.53
CA ARG C 21 33.03 -9.28 12.32
CA ARG C 21 33.05 -9.29 12.32
C ARG C 21 32.48 -10.70 12.46
N LEU C 22 31.16 -10.83 12.49
CA LEU C 22 30.51 -12.14 12.63
C LEU C 22 30.17 -12.68 11.27
N SER C 23 30.24 -14.00 11.13
CA SER C 23 29.88 -14.73 9.91
C SER C 23 28.74 -15.72 10.20
N CYS C 24 27.94 -15.97 9.17
CA CYS C 24 26.87 -16.95 9.19
C CYS C 24 26.96 -17.68 7.86
N THR C 25 27.27 -18.96 7.92
CA THR C 25 27.47 -19.80 6.74
C THR C 25 26.25 -20.70 6.54
N ALA C 26 25.72 -20.67 5.30
CA ALA C 26 24.55 -21.46 4.89
C ALA C 26 24.94 -22.63 4.02
N SER C 27 24.11 -23.71 4.06
CA SER C 27 24.23 -24.95 3.31
C SER C 27 22.84 -25.41 2.95
N GLY C 28 22.68 -25.89 1.72
CA GLY C 28 21.40 -26.41 1.24
C GLY C 28 20.78 -25.73 0.04
N ARG C 29 19.43 -25.64 0.07
CA ARG C 29 18.54 -25.15 -0.98
C ARG C 29 18.58 -23.64 -1.24
N THR C 30 19.64 -23.17 -1.94
CA THR C 30 19.85 -21.82 -2.47
C THR C 30 19.70 -20.71 -1.41
N PHE C 31 20.85 -20.21 -0.95
CA PHE C 31 21.00 -19.18 0.06
C PHE C 31 20.44 -17.86 -0.43
N SER C 32 20.72 -17.51 -1.71
CA SER C 32 20.27 -16.29 -2.39
C SER C 32 18.73 -16.17 -2.48
N ASP C 33 18.00 -17.28 -2.22
CA ASP C 33 16.53 -17.29 -2.21
C ASP C 33 16.00 -16.81 -0.86
N TYR C 34 16.88 -16.63 0.13
CA TYR C 34 16.51 -16.22 1.46
C TYR C 34 16.96 -14.86 1.90
N ASP C 35 16.02 -14.10 2.51
CA ASP C 35 16.36 -12.89 3.24
C ASP C 35 17.03 -13.43 4.53
N MET C 36 18.04 -12.71 5.04
CA MET C 36 18.74 -13.12 6.26
C MET C 36 18.63 -12.01 7.32
N ALA C 37 18.77 -12.37 8.60
CA ALA C 37 18.74 -11.38 9.68
C ALA C 37 19.62 -11.84 10.84
N TRP C 38 20.14 -10.87 11.60
CA TRP C 38 20.96 -11.16 12.77
C TRP C 38 20.12 -10.76 13.97
N PHE C 39 20.24 -11.55 15.01
CA PHE C 39 19.51 -11.42 16.26
C PHE C 39 20.51 -11.56 17.40
N ARG C 40 20.13 -11.10 18.60
CA ARG C 40 20.96 -11.27 19.80
C ARG C 40 20.08 -11.60 21.01
N GLN C 41 20.64 -12.34 21.97
CA GLN C 41 19.93 -12.73 23.18
C GLN C 41 20.91 -12.91 24.33
N ALA C 42 20.72 -12.14 25.40
CA ALA C 42 21.49 -12.22 26.64
C ALA C 42 20.79 -13.25 27.55
N PRO C 43 21.50 -13.97 28.46
CA PRO C 43 20.82 -14.95 29.32
C PRO C 43 19.63 -14.37 30.10
N GLY C 44 18.51 -15.07 30.07
CA GLY C 44 17.28 -14.66 30.73
C GLY C 44 16.55 -13.49 30.08
N LYS C 45 16.99 -13.02 28.90
CA LYS C 45 16.34 -11.94 28.17
C LYS C 45 15.67 -12.48 26.90
N GLU C 46 14.84 -11.67 26.27
CA GLU C 46 14.19 -12.04 25.03
C GLU C 46 15.19 -11.98 23.86
N ARG C 47 14.86 -12.69 22.78
CA ARG C 47 15.68 -12.70 21.58
C ARG C 47 15.23 -11.51 20.76
N ASP C 48 16.15 -10.54 20.53
CA ASP C 48 15.87 -9.32 19.78
C ASP C 48 16.53 -9.31 18.41
N ARG C 49 15.84 -8.73 17.40
CA ARG C 49 16.36 -8.61 16.03
C ARG C 49 17.21 -7.39 15.97
N VAL C 50 18.35 -7.53 15.32
CA VAL C 50 19.37 -6.47 15.28
C VAL C 50 19.54 -5.86 13.90
N SER C 51 19.47 -6.72 12.87
CA SER C 51 19.73 -6.27 11.50
C SER C 51 19.13 -7.25 10.51
N ALA C 52 18.73 -6.80 9.32
CA ALA C 52 18.13 -7.65 8.28
C ALA C 52 18.64 -7.20 6.91
N ILE C 53 18.77 -8.16 5.97
CA ILE C 53 19.28 -7.92 4.63
C ILE C 53 18.41 -8.65 3.61
N SER C 54 18.17 -8.03 2.43
CA SER C 54 17.37 -8.67 1.39
C SER C 54 18.18 -9.79 0.68
N THR C 55 17.50 -10.61 -0.14
CA THR C 55 18.04 -11.75 -0.89
C THR C 55 19.39 -11.49 -1.57
N LYS C 56 19.50 -10.42 -2.37
CA LYS C 56 20.73 -10.10 -3.10
C LYS C 56 21.59 -9.02 -2.40
N GLY C 57 21.08 -8.48 -1.28
CA GLY C 57 21.79 -7.50 -0.46
C GLY C 57 21.49 -6.05 -0.75
N GLY C 58 20.60 -5.81 -1.71
CA GLY C 58 20.18 -4.48 -2.14
C GLY C 58 19.45 -3.66 -1.10
N SER C 59 18.89 -4.31 -0.07
CA SER C 59 18.17 -3.60 0.98
C SER C 59 18.62 -4.06 2.36
N THR C 60 18.86 -3.10 3.28
CA THR C 60 19.28 -3.47 4.65
C THR C 60 18.42 -2.76 5.69
N TRP C 61 18.43 -3.23 6.94
CA TRP C 61 17.69 -2.63 8.04
C TRP C 61 18.48 -2.89 9.31
N TYR C 62 18.46 -1.93 10.24
CA TYR C 62 19.15 -2.03 11.52
C TYR C 62 18.22 -1.55 12.62
N HIS C 63 18.31 -2.22 13.79
CA HIS C 63 17.62 -1.81 15.01
C HIS C 63 18.31 -0.51 15.53
N ASP C 64 17.55 0.41 16.17
CA ASP C 64 18.03 1.71 16.66
C ASP C 64 19.17 1.65 17.70
N SER C 65 19.27 0.58 18.51
CA SER C 65 20.36 0.45 19.50
C SER C 65 21.70 0.18 18.82
N VAL C 66 21.68 -0.38 17.60
CA VAL C 66 22.89 -0.74 16.85
C VAL C 66 23.14 0.17 15.65
N LYS C 67 22.14 0.99 15.26
CA LYS C 67 22.19 1.92 14.13
C LYS C 67 23.39 2.86 14.25
N GLY C 68 24.16 2.94 13.17
CA GLY C 68 25.38 3.75 13.09
C GLY C 68 26.65 3.04 13.52
N ARG C 69 26.54 1.86 14.17
CA ARG C 69 27.72 1.10 14.63
C ARG C 69 27.88 -0.22 13.91
N PHE C 70 26.76 -0.90 13.58
CA PHE C 70 26.74 -2.22 12.94
C PHE C 70 26.48 -2.16 11.43
N THR C 71 27.02 -3.12 10.67
CA THR C 71 26.81 -3.24 9.21
C THR C 71 26.55 -4.69 8.79
N ILE C 72 25.43 -4.93 8.08
CA ILE C 72 25.08 -6.26 7.57
C ILE C 72 25.41 -6.33 6.08
N SER C 73 26.03 -7.44 5.64
CA SER C 73 26.42 -7.64 4.24
C SER C 73 26.34 -9.14 3.90
N ARG C 74 26.38 -9.50 2.60
CA ARG C 74 26.33 -10.90 2.17
C ARG C 74 27.05 -11.18 0.86
N ASP C 75 27.83 -12.25 0.83
CA ASP C 75 28.52 -12.73 -0.36
C ASP C 75 27.79 -14.04 -0.67
N ASN C 76 26.80 -13.97 -1.59
CA ASN C 76 25.96 -15.11 -1.97
C ASN C 76 26.76 -16.26 -2.58
N ALA C 77 27.88 -15.94 -3.27
CA ALA C 77 28.82 -16.87 -3.90
C ALA C 77 29.54 -17.71 -2.84
N LYS C 78 29.68 -17.17 -1.61
CA LYS C 78 30.32 -17.86 -0.49
C LYS C 78 29.27 -18.36 0.52
N ASN C 79 27.94 -18.23 0.21
CA ASN C 79 26.80 -18.62 1.05
C ASN C 79 26.94 -18.04 2.49
N THR C 80 27.36 -16.77 2.60
CA THR C 80 27.64 -16.15 3.89
C THR C 80 26.95 -14.81 4.08
N VAL C 81 26.46 -14.57 5.30
CA VAL C 81 25.94 -13.27 5.71
C VAL C 81 26.85 -12.78 6.87
N TYR C 82 27.28 -11.50 6.82
CA TYR C 82 28.21 -10.93 7.80
C TYR C 82 27.58 -9.87 8.69
N LEU C 83 28.10 -9.70 9.92
CA LEU C 83 27.68 -8.62 10.82
C LEU C 83 28.92 -7.90 11.37
N GLN C 84 29.28 -6.76 10.75
CA GLN C 84 30.42 -5.94 11.18
C GLN C 84 29.94 -5.11 12.37
N MET C 85 30.56 -5.32 13.54
CA MET C 85 30.21 -4.63 14.77
C MET C 85 31.36 -3.76 15.19
N ASN C 86 31.18 -2.43 15.18
CA ASN C 86 32.17 -1.45 15.58
C ASN C 86 31.65 -0.71 16.82
N SER C 87 32.54 0.03 17.54
CA SER C 87 32.25 0.77 18.78
C SER C 87 31.40 -0.06 19.78
N LEU C 88 31.88 -1.29 20.08
CA LEU C 88 31.16 -2.18 20.97
C LEU C 88 31.12 -1.69 22.42
N LYS C 89 29.95 -1.81 23.05
CA LYS C 89 29.69 -1.41 24.46
C LYS C 89 29.43 -2.71 25.26
N PRO C 90 29.62 -2.72 26.61
CA PRO C 90 29.31 -3.94 27.38
C PRO C 90 27.84 -4.37 27.32
N GLU C 91 26.94 -3.43 26.92
CA GLU C 91 25.51 -3.67 26.71
C GLU C 91 25.31 -4.57 25.47
N ASP C 92 26.32 -4.66 24.57
CA ASP C 92 26.29 -5.49 23.36
C ASP C 92 26.61 -6.98 23.64
N THR C 93 27.07 -7.30 24.86
CA THR C 93 27.40 -8.68 25.25
C THR C 93 26.13 -9.50 25.16
N ALA C 94 26.20 -10.60 24.39
CA ALA C 94 25.10 -11.55 24.11
C ALA C 94 25.56 -12.64 23.15
N VAL C 95 24.69 -13.62 22.92
CA VAL C 95 24.88 -14.62 21.89
C VAL C 95 24.17 -14.01 20.64
N TYR C 96 24.84 -14.06 19.47
CA TYR C 96 24.32 -13.53 18.22
C TYR C 96 23.98 -14.68 17.28
N TYR C 97 22.76 -14.64 16.72
CA TYR C 97 22.22 -15.70 15.87
C TYR C 97 21.82 -15.15 14.49
N CYS C 98 21.99 -15.96 13.44
CA CYS C 98 21.48 -15.64 12.11
C CYS C 98 20.23 -16.55 11.88
N ALA C 99 19.27 -16.03 11.13
CA ALA C 99 18.07 -16.81 10.78
C ALA C 99 17.68 -16.44 9.39
N ALA C 100 17.08 -17.37 8.65
CA ALA C 100 16.56 -17.11 7.30
C ALA C 100 15.06 -16.73 7.41
N GLY C 101 14.69 -15.64 6.73
CA GLY C 101 13.32 -15.14 6.72
C GLY C 101 12.61 -15.51 5.44
N ALA C 102 11.40 -16.07 5.57
CA ALA C 102 10.57 -16.43 4.41
C ALA C 102 9.10 -16.54 4.82
N VAL C 103 8.21 -16.53 3.83
CA VAL C 103 6.78 -16.73 4.10
C VAL C 103 6.59 -18.24 4.30
N THR C 104 5.92 -18.65 5.41
CA THR C 104 5.53 -20.06 5.58
C THR C 104 4.08 -20.15 5.03
N TYR C 105 3.81 -21.10 4.12
CA TYR C 105 2.49 -21.19 3.49
C TYR C 105 1.48 -22.00 4.31
N TYR C 106 1.80 -22.26 5.60
CA TYR C 106 0.83 -22.85 6.54
C TYR C 106 -0.19 -21.72 6.86
N SER C 107 0.33 -20.48 7.07
CA SER C 107 -0.51 -19.33 7.40
C SER C 107 -0.36 -18.14 6.42
N ALA C 108 0.57 -18.28 5.43
CA ALA C 108 1.03 -17.26 4.49
C ALA C 108 1.57 -16.05 5.26
N ARG C 109 2.37 -16.33 6.32
CA ARG C 109 2.99 -15.31 7.19
C ARG C 109 4.50 -15.41 7.13
N TYR C 110 5.16 -14.26 7.16
CA TYR C 110 6.60 -14.13 7.11
C TYR C 110 7.22 -14.46 8.47
N GLU C 111 8.19 -15.37 8.50
CA GLU C 111 8.80 -15.87 9.73
C GLU C 111 10.27 -16.20 9.57
N TYR C 112 10.93 -16.37 10.72
CA TYR C 112 12.31 -16.86 10.84
C TYR C 112 12.17 -18.27 11.38
N ASP C 113 12.18 -19.26 10.45
CA ASP C 113 12.01 -20.69 10.79
C ASP C 113 13.28 -21.52 10.73
N TYR C 114 14.43 -20.94 10.28
CA TYR C 114 15.72 -21.66 10.20
C TYR C 114 16.71 -20.79 10.90
N TRP C 115 17.36 -21.35 11.91
CA TRP C 115 18.28 -20.66 12.83
C TRP C 115 19.58 -21.38 13.07
N GLY C 116 20.61 -20.59 13.34
CA GLY C 116 21.89 -21.14 13.80
C GLY C 116 21.83 -21.23 15.31
N GLN C 117 22.84 -21.87 15.95
CA GLN C 117 22.85 -22.01 17.41
C GLN C 117 23.61 -20.92 18.10
N GLY C 118 24.20 -20.02 17.32
CA GLY C 118 24.81 -18.80 17.83
C GLY C 118 26.29 -18.73 18.03
N THR C 119 26.76 -17.50 18.23
CA THR C 119 28.16 -17.19 18.55
C THR C 119 28.16 -16.16 19.69
N GLN C 120 28.98 -16.40 20.71
CA GLN C 120 29.09 -15.54 21.87
C GLN C 120 29.96 -14.32 21.57
N VAL C 121 29.48 -13.13 21.98
CA VAL C 121 30.20 -11.87 21.87
C VAL C 121 30.30 -11.31 23.30
N THR C 122 31.52 -11.11 23.79
CA THR C 122 31.72 -10.57 25.13
C THR C 122 32.50 -9.27 25.03
N VAL C 123 31.90 -8.17 25.51
CA VAL C 123 32.53 -6.84 25.50
C VAL C 123 32.86 -6.41 26.93
N SER C 124 34.17 -6.38 27.28
CA SER C 124 34.64 -5.91 28.59
C SER C 124 34.55 -4.39 28.67
N SER C 125 34.40 -3.85 29.90
CA SER C 125 34.33 -2.41 30.16
C SER C 125 35.73 -1.79 30.27
N GLN D 3 3.88 6.49 -8.32
CA GLN D 3 2.47 6.70 -8.11
C GLN D 3 2.06 6.22 -6.74
N VAL D 4 1.68 7.16 -5.89
CA VAL D 4 1.28 6.88 -4.52
C VAL D 4 -0.16 7.29 -4.35
N GLN D 5 -0.99 6.40 -3.78
CA GLN D 5 -2.41 6.70 -3.57
C GLN D 5 -2.78 6.39 -2.11
N LEU D 6 -3.75 7.15 -1.57
CA LEU D 6 -4.35 6.90 -0.26
C LEU D 6 -5.83 6.77 -0.63
N VAL D 7 -6.30 5.52 -0.78
CA VAL D 7 -7.63 5.25 -1.28
C VAL D 7 -8.66 5.10 -0.16
N GLU D 8 -9.60 6.05 -0.10
CA GLU D 8 -10.65 6.06 0.91
C GLU D 8 -11.89 5.22 0.54
N SER D 9 -12.43 4.47 1.53
CA SER D 9 -13.60 3.58 1.38
C SER D 9 -14.61 3.81 2.50
N GLY D 10 -15.87 3.86 2.13
CA GLY D 10 -16.90 4.07 3.13
C GLY D 10 -17.79 5.21 2.79
N GLY D 11 -18.52 5.66 3.80
CA GLY D 11 -19.53 6.68 3.70
C GLY D 11 -20.91 6.07 3.86
N GLY D 12 -21.88 6.94 4.08
CA GLY D 12 -23.28 6.54 4.14
C GLY D 12 -24.18 7.35 5.04
N LEU D 13 -25.48 7.02 4.96
CA LEU D 13 -26.53 7.54 5.83
C LEU D 13 -26.62 6.54 6.97
N VAL D 14 -26.63 7.03 8.20
CA VAL D 14 -26.71 6.21 9.40
C VAL D 14 -27.71 6.87 10.35
N GLN D 15 -28.54 6.05 11.05
CA GLN D 15 -29.49 6.56 12.01
C GLN D 15 -28.76 6.84 13.32
N ALA D 16 -29.18 7.88 14.06
CA ALA D 16 -28.59 8.27 15.35
C ALA D 16 -28.47 7.08 16.30
N GLY D 17 -27.29 6.94 16.88
CA GLY D 17 -26.96 5.84 17.78
C GLY D 17 -26.35 4.65 17.05
N GLY D 18 -26.37 4.71 15.73
CA GLY D 18 -25.82 3.67 14.85
C GLY D 18 -24.32 3.72 14.72
N SER D 19 -23.77 2.73 14.01
CA SER D 19 -22.34 2.56 13.77
C SER D 19 -21.96 2.60 12.31
N LEU D 20 -20.75 3.06 12.04
CA LEU D 20 -20.16 3.07 10.70
C LEU D 20 -18.64 3.01 10.80
N ARG D 21 -18.01 2.14 9.97
CA ARG D 21 -16.59 1.98 9.88
C ARG D 21 -16.09 2.59 8.56
N LEU D 22 -15.11 3.49 8.63
CA LEU D 22 -14.44 4.05 7.43
C LEU D 22 -13.06 3.41 7.28
N SER D 23 -12.53 3.33 6.06
CA SER D 23 -11.17 2.78 5.92
C SER D 23 -10.40 3.54 4.81
N CYS D 24 -9.06 3.43 4.80
CA CYS D 24 -8.19 3.92 3.76
C CYS D 24 -7.08 2.95 3.55
N THR D 25 -6.79 2.61 2.31
CA THR D 25 -5.69 1.69 2.00
C THR D 25 -4.70 2.46 1.14
N ALA D 26 -3.43 2.50 1.57
CA ALA D 26 -2.38 3.16 0.80
C ALA D 26 -1.68 2.21 -0.16
N SER D 27 -1.27 2.74 -1.31
CA SER D 27 -0.57 1.98 -2.35
C SER D 27 0.57 2.80 -2.98
N GLY D 28 1.72 2.13 -3.19
CA GLY D 28 2.86 2.77 -3.83
C GLY D 28 4.11 2.85 -2.98
N ARG D 29 3.97 2.54 -1.67
CA ARG D 29 5.03 2.54 -0.65
C ARG D 29 4.36 2.25 0.68
N THR D 30 5.17 1.86 1.66
CA THR D 30 4.65 1.68 3.01
C THR D 30 4.22 3.05 3.57
N PHE D 31 3.14 3.03 4.33
CA PHE D 31 2.69 4.22 5.05
C PHE D 31 2.98 4.01 6.54
N SER D 32 3.73 2.93 6.92
CA SER D 32 4.04 2.62 8.32
CA SER D 32 4.05 2.64 8.31
C SER D 32 4.97 3.65 8.98
N ASP D 33 5.61 4.51 8.19
CA ASP D 33 6.46 5.59 8.71
C ASP D 33 5.64 6.87 8.83
N TYR D 34 4.31 6.82 8.57
CA TYR D 34 3.48 7.99 8.74
C TYR D 34 2.53 7.80 9.93
N ASP D 35 2.20 8.91 10.61
CA ASP D 35 1.08 8.95 11.52
C ASP D 35 -0.15 9.05 10.57
N MET D 36 -1.20 8.35 10.89
CA MET D 36 -2.44 8.39 10.10
C MET D 36 -3.49 9.16 10.92
N ALA D 37 -4.29 9.97 10.25
CA ALA D 37 -5.29 10.78 10.95
C ALA D 37 -6.59 10.76 10.20
N TRP D 38 -7.68 11.08 10.92
CA TRP D 38 -9.01 11.30 10.36
C TRP D 38 -9.42 12.72 10.67
N PHE D 39 -9.90 13.41 9.63
CA PHE D 39 -10.37 14.78 9.68
C PHE D 39 -11.84 14.77 9.26
N ARG D 40 -12.62 15.73 9.77
CA ARG D 40 -14.02 15.89 9.38
C ARG D 40 -14.27 17.36 9.06
N GLN D 41 -15.17 17.61 8.11
CA GLN D 41 -15.57 18.96 7.75
C GLN D 41 -17.06 18.97 7.66
N ALA D 42 -17.70 19.51 8.72
CA ALA D 42 -19.15 19.64 8.82
C ALA D 42 -19.60 20.80 7.94
N PRO D 43 -20.88 20.81 7.47
CA PRO D 43 -21.34 21.92 6.61
C PRO D 43 -21.11 23.30 7.22
N GLY D 44 -20.51 24.19 6.44
CA GLY D 44 -20.20 25.56 6.84
C GLY D 44 -19.17 25.68 7.96
N LYS D 45 -18.35 24.64 8.14
CA LYS D 45 -17.32 24.62 9.19
C LYS D 45 -15.96 24.35 8.60
N GLU D 46 -14.91 24.62 9.40
CA GLU D 46 -13.53 24.34 9.05
C GLU D 46 -13.31 22.81 9.18
N ARG D 47 -12.37 22.28 8.41
CA ARG D 47 -11.99 20.88 8.47
C ARG D 47 -11.16 20.68 9.72
N ASP D 48 -11.55 19.75 10.59
CA ASP D 48 -10.71 19.57 11.75
C ASP D 48 -10.40 18.11 12.07
N ARG D 49 -9.24 17.91 12.67
CA ARG D 49 -8.74 16.61 13.07
C ARG D 49 -9.54 16.07 14.23
N VAL D 50 -9.94 14.82 14.09
CA VAL D 50 -10.82 14.11 14.98
C VAL D 50 -10.10 12.95 15.68
N SER D 51 -9.18 12.26 14.97
CA SER D 51 -8.39 11.16 15.53
CA SER D 51 -8.41 11.14 15.53
C SER D 51 -7.08 10.99 14.79
N ALA D 52 -6.07 10.45 15.48
CA ALA D 52 -4.75 10.21 14.93
C ALA D 52 -4.11 9.01 15.62
N ILE D 53 -3.26 8.33 14.88
CA ILE D 53 -2.59 7.17 15.40
C ILE D 53 -1.07 7.28 15.06
N SER D 54 -0.20 6.89 16.02
CA SER D 54 1.24 6.86 15.84
C SER D 54 1.64 5.74 14.85
N THR D 55 2.87 5.79 14.33
CA THR D 55 3.42 4.95 13.25
C THR D 55 3.22 3.39 13.41
N LYS D 56 3.61 2.80 14.57
CA LYS D 56 3.36 1.35 14.76
C LYS D 56 1.90 1.05 15.25
N GLY D 57 1.21 2.08 15.76
CA GLY D 57 -0.17 1.96 16.25
C GLY D 57 -0.36 1.86 17.76
N GLY D 58 0.74 1.84 18.49
CA GLY D 58 0.73 1.73 19.94
C GLY D 58 0.15 2.92 20.67
N SER D 59 -0.14 4.07 19.94
CA SER D 59 -0.64 5.33 20.54
C SER D 59 -1.64 6.08 19.70
N THR D 60 -2.70 6.55 20.36
CA THR D 60 -3.77 7.30 19.70
C THR D 60 -4.06 8.63 20.36
N TRP D 61 -4.63 9.54 19.56
CA TRP D 61 -5.09 10.86 19.94
C TRP D 61 -6.54 10.99 19.49
N TYR D 62 -7.37 11.64 20.30
CA TYR D 62 -8.77 11.90 19.96
C TYR D 62 -9.20 13.30 20.32
N HIS D 63 -10.06 13.86 19.45
CA HIS D 63 -10.71 15.14 19.66
C HIS D 63 -11.73 14.88 20.80
N ASP D 64 -11.82 15.78 21.79
CA ASP D 64 -12.69 15.62 22.96
C ASP D 64 -14.13 15.13 22.67
N SER D 65 -14.80 15.68 21.64
CA SER D 65 -16.19 15.35 21.29
C SER D 65 -16.43 13.91 20.76
N VAL D 66 -15.37 13.19 20.37
CA VAL D 66 -15.49 11.83 19.84
C VAL D 66 -14.89 10.76 20.78
N LYS D 67 -14.28 11.19 21.90
CA LYS D 67 -13.69 10.27 22.90
C LYS D 67 -14.73 9.27 23.40
N GLY D 68 -14.36 8.00 23.42
CA GLY D 68 -15.21 6.90 23.86
C GLY D 68 -16.21 6.41 22.82
N ARG D 69 -16.32 7.11 21.70
CA ARG D 69 -17.26 6.76 20.66
C ARG D 69 -16.54 6.32 19.40
N PHE D 70 -15.40 6.98 19.07
CA PHE D 70 -14.61 6.68 17.86
C PHE D 70 -13.33 5.92 18.22
N THR D 71 -12.92 4.98 17.36
CA THR D 71 -11.69 4.22 17.54
C THR D 71 -10.93 4.24 16.23
N ILE D 72 -9.72 4.79 16.27
CA ILE D 72 -8.82 4.76 15.12
C ILE D 72 -7.92 3.53 15.34
N SER D 73 -7.67 2.76 14.29
CA SER D 73 -6.77 1.60 14.37
C SER D 73 -6.05 1.48 13.02
N ARG D 74 -4.88 0.84 13.00
CA ARG D 74 -4.17 0.65 11.75
C ARG D 74 -3.77 -0.80 11.57
N ASP D 75 -3.75 -1.31 10.34
CA ASP D 75 -3.31 -2.69 10.06
C ASP D 75 -2.17 -2.48 9.07
N ASN D 76 -0.93 -2.39 9.59
CA ASN D 76 0.27 -2.06 8.78
C ASN D 76 0.60 -3.09 7.70
N ALA D 77 0.30 -4.36 7.96
CA ALA D 77 0.53 -5.49 7.05
C ALA D 77 -0.29 -5.31 5.78
N LYS D 78 -1.40 -4.55 5.87
CA LYS D 78 -2.27 -4.23 4.75
C LYS D 78 -2.18 -2.75 4.37
N ASN D 79 -1.23 -1.96 4.97
CA ASN D 79 -1.09 -0.51 4.66
C ASN D 79 -2.50 0.22 4.80
N THR D 80 -3.29 -0.19 5.81
CA THR D 80 -4.66 0.29 5.97
C THR D 80 -4.86 0.98 7.32
N VAL D 81 -5.74 1.97 7.37
CA VAL D 81 -6.13 2.65 8.61
C VAL D 81 -7.66 2.59 8.66
N TYR D 82 -8.23 2.49 9.86
CA TYR D 82 -9.66 2.45 10.04
C TYR D 82 -10.14 3.51 11.00
N LEU D 83 -11.42 3.87 10.89
CA LEU D 83 -12.12 4.71 11.83
C LEU D 83 -13.42 4.04 12.14
N GLN D 84 -13.57 3.54 13.37
CA GLN D 84 -14.78 2.88 13.84
C GLN D 84 -15.57 3.91 14.60
N MET D 85 -16.75 4.27 14.06
CA MET D 85 -17.59 5.28 14.68
C MET D 85 -18.81 4.63 15.31
N ASN D 86 -18.89 4.65 16.65
CA ASN D 86 -20.03 4.10 17.38
C ASN D 86 -20.81 5.25 17.96
N SER D 87 -22.07 5.00 18.36
CA SER D 87 -22.99 5.96 18.99
C SER D 87 -23.00 7.30 18.22
N LEU D 88 -23.26 7.20 16.91
CA LEU D 88 -23.25 8.35 16.00
C LEU D 88 -24.39 9.35 16.32
N LYS D 89 -24.07 10.65 16.23
CA LYS D 89 -25.00 11.74 16.55
C LYS D 89 -25.13 12.65 15.33
N PRO D 90 -26.26 13.38 15.13
CA PRO D 90 -26.34 14.30 13.96
C PRO D 90 -25.15 15.25 13.83
N GLU D 91 -24.54 15.65 14.96
CA GLU D 91 -23.35 16.52 15.08
C GLU D 91 -22.11 15.91 14.39
N ASP D 92 -22.12 14.60 14.12
CA ASP D 92 -21.02 13.89 13.45
C ASP D 92 -21.12 13.96 11.91
N THR D 93 -22.22 14.52 11.39
CA THR D 93 -22.44 14.69 9.95
C THR D 93 -21.34 15.57 9.39
N ALA D 94 -20.60 15.05 8.38
CA ALA D 94 -19.47 15.74 7.78
C ALA D 94 -18.92 14.91 6.64
N VAL D 95 -18.02 15.53 5.89
CA VAL D 95 -17.17 14.84 4.92
C VAL D 95 -15.96 14.46 5.78
N TYR D 96 -15.67 13.16 5.83
CA TYR D 96 -14.52 12.59 6.56
C TYR D 96 -13.38 12.27 5.61
N TYR D 97 -12.17 12.61 6.02
CA TYR D 97 -10.95 12.38 5.25
C TYR D 97 -9.92 11.66 6.08
N CYS D 98 -9.17 10.72 5.47
CA CYS D 98 -7.98 10.14 6.14
C CYS D 98 -6.80 10.95 5.58
N ALA D 99 -5.69 11.04 6.37
CA ALA D 99 -4.50 11.76 5.95
C ALA D 99 -3.30 11.02 6.52
N ALA D 100 -2.15 11.10 5.80
CA ALA D 100 -0.86 10.52 6.25
C ALA D 100 0.09 11.68 6.40
N GLY D 101 0.73 11.76 7.54
CA GLY D 101 1.69 12.81 7.82
C GLY D 101 2.61 12.56 8.99
N ALA D 102 3.40 13.58 9.31
CA ALA D 102 4.37 13.51 10.40
C ALA D 102 4.60 14.93 10.89
N VAL D 103 5.06 15.06 12.12
CA VAL D 103 5.41 16.37 12.68
C VAL D 103 6.66 16.85 11.89
N THR D 104 6.71 18.15 11.55
CA THR D 104 7.86 18.73 10.83
C THR D 104 9.10 18.67 11.74
N TYR D 105 10.30 18.84 11.15
CA TYR D 105 11.57 18.87 11.88
C TYR D 105 11.84 20.22 12.53
N TYR D 106 10.99 21.22 12.30
CA TYR D 106 11.27 22.56 12.87
C TYR D 106 10.12 23.14 13.70
N SER D 107 9.10 22.35 14.01
CA SER D 107 7.93 22.83 14.74
C SER D 107 7.21 21.63 15.35
N ALA D 108 6.05 21.87 15.98
CA ALA D 108 5.25 20.81 16.59
C ALA D 108 4.04 20.56 15.72
N ARG D 109 3.99 21.14 14.51
CA ARG D 109 2.86 20.92 13.60
C ARG D 109 3.05 19.72 12.68
N TYR D 110 1.94 19.04 12.37
CA TYR D 110 1.90 17.97 11.38
C TYR D 110 1.87 18.55 9.98
N GLU D 111 2.61 17.94 9.08
CA GLU D 111 2.48 18.22 7.64
C GLU D 111 1.93 16.90 7.06
N TYR D 112 0.94 16.97 6.17
CA TYR D 112 0.34 15.77 5.60
C TYR D 112 0.76 15.64 4.16
N ASP D 113 1.29 14.49 3.80
CA ASP D 113 1.75 14.29 2.43
C ASP D 113 0.68 13.74 1.56
N TYR D 114 -0.29 13.01 2.15
CA TYR D 114 -1.34 12.34 1.37
C TYR D 114 -2.70 12.43 2.03
N TRP D 115 -3.75 12.58 1.22
CA TRP D 115 -5.11 12.70 1.70
C TRP D 115 -5.99 11.76 0.94
N GLY D 116 -7.01 11.23 1.63
CA GLY D 116 -8.07 10.47 0.98
C GLY D 116 -8.98 11.48 0.29
N GLN D 117 -9.79 11.03 -0.64
CA GLN D 117 -10.65 11.97 -1.40
C GLN D 117 -11.81 12.57 -0.59
N GLY D 118 -12.10 12.00 0.59
CA GLY D 118 -13.20 12.45 1.42
C GLY D 118 -14.45 11.66 1.14
N THR D 119 -15.26 11.44 2.19
CA THR D 119 -16.52 10.73 2.06
C THR D 119 -17.57 11.29 3.02
N GLN D 120 -18.78 11.40 2.55
CA GLN D 120 -19.89 11.88 3.35
C GLN D 120 -20.46 10.81 4.30
N VAL D 121 -20.63 11.22 5.55
CA VAL D 121 -21.28 10.48 6.62
C VAL D 121 -22.36 11.40 7.14
N THR D 122 -23.64 11.01 7.02
CA THR D 122 -24.76 11.79 7.51
C THR D 122 -25.50 10.95 8.56
N VAL D 123 -25.75 11.56 9.74
CA VAL D 123 -26.45 10.91 10.83
C VAL D 123 -27.83 11.53 10.90
N SER D 124 -28.88 10.72 10.64
CA SER D 124 -30.25 11.22 10.65
C SER D 124 -30.75 11.39 12.06
N SER D 125 -31.51 12.48 12.29
CA SER D 125 -32.08 12.81 13.59
C SER D 125 -33.48 12.19 13.74
#